data_1XZZ
#
_entry.id   1XZZ
#
_cell.length_a   147.300
_cell.length_b   147.300
_cell.length_c   65.000
_cell.angle_alpha   90.00
_cell.angle_beta   90.00
_cell.angle_gamma   120.00
#
_symmetry.space_group_name_H-M   'H 3 2'
#
loop_
_entity.id
_entity.type
_entity.pdbx_description
1 polymer 'Inositol 1,4,5-trisphosphate receptor type 1'
2 non-polymer GLYCEROL
3 water water
#
_entity_poly.entity_id   1
_entity_poly.type   'polypeptide(L)'
_entity_poly.pdbx_seq_one_letter_code
;MASMTGGQQMGRGSEFSDKMSSFLHIGDICSLYAEGSTNGFISTLGLVDDRCVVQPEAGDLNNPPKKFRDCLFKLCPMNR
YSAQKQFWKAAKPGANSTTDAVLLNKLHHAADLEKKQNETENRKLLGTVIQYGNVIQLLHLKSNKYLTVNKRLPALLEKN
AMRVTLDEAGNEGSWFYIQPFYKLRSIGDSVVIGDKVVLNPVNAGQPLHASSHQLVDNPGCNEVNSVNCNTSWKIVLFLE
HHHHHH
;
_entity_poly.pdbx_strand_id   A
#
loop_
_chem_comp.id
_chem_comp.type
_chem_comp.name
_chem_comp.formula
GOL non-polymer GLYCEROL 'C3 H8 O3'
#
# COMPACT_ATOMS: atom_id res chain seq x y z
N SER A 22 19.18 -11.36 -4.38
CA SER A 22 17.76 -11.22 -4.83
C SER A 22 17.14 -10.01 -4.14
N PHE A 23 17.14 -8.89 -4.84
CA PHE A 23 16.61 -7.64 -4.28
C PHE A 23 15.25 -7.28 -4.81
N LEU A 24 14.56 -6.39 -4.07
CA LEU A 24 13.24 -5.91 -4.47
C LEU A 24 13.43 -4.65 -5.33
N HIS A 25 12.66 -4.56 -6.42
CA HIS A 25 12.75 -3.43 -7.35
C HIS A 25 11.40 -2.80 -7.56
N ILE A 26 11.43 -1.55 -8.01
CA ILE A 26 10.23 -0.82 -8.36
C ILE A 26 9.71 -1.62 -9.57
N GLY A 27 8.42 -1.95 -9.54
CA GLY A 27 7.85 -2.70 -10.65
C GLY A 27 7.72 -4.19 -10.35
N ASP A 28 8.43 -4.69 -9.33
CA ASP A 28 8.30 -6.10 -8.98
C ASP A 28 6.88 -6.29 -8.43
N ILE A 29 6.38 -7.51 -8.60
CA ILE A 29 5.05 -7.89 -8.12
C ILE A 29 5.21 -8.91 -6.99
N CYS A 30 4.68 -8.57 -5.81
CA CYS A 30 4.81 -9.42 -4.62
C CYS A 30 3.51 -9.55 -3.86
N SER A 31 3.56 -10.41 -2.84
CA SER A 31 2.45 -10.59 -1.94
C SER A 31 3.05 -10.16 -0.60
N LEU A 32 2.21 -9.77 0.35
CA LEU A 32 2.68 -9.29 1.64
C LEU A 32 2.12 -10.18 2.73
N TYR A 33 3.01 -10.92 3.39
CA TYR A 33 2.57 -11.85 4.41
C TYR A 33 2.74 -11.29 5.81
N ALA A 34 1.60 -11.07 6.48
CA ALA A 34 1.65 -10.53 7.83
C ALA A 34 1.97 -11.59 8.85
N GLU A 35 2.81 -11.21 9.80
CA GLU A 35 3.15 -12.08 10.91
C GLU A 35 2.90 -11.21 12.13
N GLY A 36 1.85 -11.56 12.85
CA GLY A 36 1.47 -10.81 14.04
C GLY A 36 0.55 -11.66 14.89
N SER A 37 -0.42 -11.03 15.54
CA SER A 37 -1.36 -11.78 16.36
C SER A 37 -2.14 -12.67 15.39
N THR A 38 -2.23 -12.20 14.15
CA THR A 38 -2.89 -12.92 13.06
C THR A 38 -1.91 -12.95 11.91
N ASN A 39 -1.70 -14.13 11.32
CA ASN A 39 -0.77 -14.27 10.19
C ASN A 39 -1.57 -14.48 8.90
N GLY A 40 -1.05 -13.99 7.79
CA GLY A 40 -1.73 -14.17 6.52
C GLY A 40 -1.39 -13.12 5.50
N PHE A 41 -1.77 -13.35 4.24
CA PHE A 41 -1.48 -12.38 3.18
C PHE A 41 -2.55 -11.30 3.11
N ILE A 42 -2.17 -10.08 2.77
CA ILE A 42 -3.16 -9.02 2.62
C ILE A 42 -3.94 -9.36 1.37
N SER A 43 -5.26 -9.26 1.45
CA SER A 43 -6.12 -9.53 0.31
C SER A 43 -7.31 -8.59 0.41
N THR A 44 -8.25 -8.72 -0.53
CA THR A 44 -9.40 -7.83 -0.55
C THR A 44 -10.73 -8.56 -0.61
N LEU A 45 -11.82 -7.79 -0.65
CA LEU A 45 -13.16 -8.37 -0.70
C LEU A 45 -13.97 -7.92 -1.91
N GLY A 46 -13.40 -8.00 -3.10
CA GLY A 46 -14.13 -7.60 -4.29
C GLY A 46 -13.65 -6.32 -4.93
N LEU A 47 -14.18 -6.03 -6.12
CA LEU A 47 -13.80 -4.85 -6.87
C LEU A 47 -14.47 -3.57 -6.41
N VAL A 48 -15.49 -3.68 -5.57
CA VAL A 48 -16.18 -2.50 -5.08
C VAL A 48 -15.87 -2.21 -3.63
N ASP A 49 -15.79 -3.25 -2.82
CA ASP A 49 -15.50 -3.14 -1.40
C ASP A 49 -14.04 -2.68 -1.25
N ASP A 50 -13.83 -1.54 -0.59
CA ASP A 50 -12.49 -1.00 -0.41
C ASP A 50 -11.73 -1.45 0.84
N ARG A 51 -12.25 -2.46 1.53
CA ARG A 51 -11.63 -2.97 2.74
C ARG A 51 -10.47 -3.94 2.48
N CYS A 52 -9.44 -3.85 3.31
CA CYS A 52 -8.29 -4.73 3.20
C CYS A 52 -8.29 -5.65 4.41
N VAL A 53 -7.99 -6.91 4.18
CA VAL A 53 -8.00 -7.90 5.25
C VAL A 53 -6.87 -8.90 5.10
N VAL A 54 -6.79 -9.77 6.10
CA VAL A 54 -5.87 -10.89 6.12
C VAL A 54 -6.75 -12.06 6.54
N GLN A 55 -6.65 -13.18 5.81
CA GLN A 55 -7.42 -14.39 6.13
C GLN A 55 -6.42 -15.45 6.57
N PRO A 56 -6.23 -15.60 7.89
CA PRO A 56 -5.29 -16.59 8.42
C PRO A 56 -5.46 -18.05 7.97
N GLU A 57 -6.70 -18.51 7.90
CA GLU A 57 -6.97 -19.89 7.49
C GLU A 57 -6.91 -20.13 5.99
N ALA A 58 -7.02 -19.05 5.22
CA ALA A 58 -6.98 -19.13 3.76
C ALA A 58 -5.64 -19.71 3.28
N GLY A 59 -4.59 -19.46 4.05
CA GLY A 59 -3.29 -19.96 3.67
C GLY A 59 -2.13 -19.24 4.35
N ASP A 60 -0.94 -19.81 4.22
CA ASP A 60 0.26 -19.23 4.81
C ASP A 60 1.42 -19.34 3.84
N LEU A 61 2.63 -19.14 4.35
CA LEU A 61 3.83 -19.20 3.51
C LEU A 61 4.04 -20.55 2.85
N ASN A 62 3.80 -21.63 3.58
CA ASN A 62 3.99 -22.97 3.04
C ASN A 62 2.76 -23.46 2.29
N ASN A 63 1.61 -22.89 2.64
CA ASN A 63 0.35 -23.28 2.03
C ASN A 63 -0.43 -22.02 1.60
N PRO A 64 0.02 -21.37 0.52
CA PRO A 64 -0.63 -20.16 0.00
C PRO A 64 -2.12 -20.35 -0.37
N PRO A 65 -2.93 -19.30 -0.15
CA PRO A 65 -4.37 -19.32 -0.44
C PRO A 65 -4.70 -19.64 -1.89
N LYS A 66 -5.93 -20.11 -2.12
CA LYS A 66 -6.36 -20.48 -3.46
C LYS A 66 -6.44 -19.27 -4.39
N LYS A 67 -7.05 -18.18 -3.94
CA LYS A 67 -7.15 -16.98 -4.77
C LYS A 67 -5.94 -16.07 -4.59
N PHE A 68 -4.77 -16.53 -5.04
CA PHE A 68 -3.55 -15.74 -4.88
C PHE A 68 -3.51 -14.54 -5.79
N ARG A 69 -4.30 -14.55 -6.85
CA ARG A 69 -4.34 -13.42 -7.77
C ARG A 69 -4.70 -12.17 -6.96
N ASP A 70 -5.51 -12.37 -5.93
CA ASP A 70 -6.00 -11.29 -5.08
C ASP A 70 -5.01 -10.78 -4.02
N CYS A 71 -3.86 -11.44 -3.91
CA CYS A 71 -2.85 -11.05 -2.92
C CYS A 71 -1.68 -10.35 -3.57
N LEU A 72 -1.79 -10.06 -4.85
CA LEU A 72 -0.69 -9.44 -5.59
C LEU A 72 -0.65 -7.92 -5.58
N PHE A 73 0.54 -7.39 -5.29
CA PHE A 73 0.76 -5.95 -5.26
C PHE A 73 1.97 -5.61 -6.08
N LYS A 74 1.95 -4.45 -6.72
CA LYS A 74 3.11 -4.03 -7.48
C LYS A 74 3.74 -2.91 -6.66
N LEU A 75 5.06 -2.95 -6.57
CA LEU A 75 5.83 -1.93 -5.85
C LEU A 75 5.96 -0.72 -6.78
N CYS A 76 5.48 0.43 -6.31
CA CYS A 76 5.51 1.65 -7.11
C CYS A 76 6.23 2.76 -6.39
N PRO A 77 6.66 3.79 -7.14
CA PRO A 77 7.37 4.94 -6.56
C PRO A 77 6.36 5.86 -5.86
N MET A 78 6.88 6.94 -5.31
CA MET A 78 6.06 7.91 -4.62
C MET A 78 5.46 8.86 -5.67
N ASN A 79 4.13 8.87 -5.80
CA ASN A 79 3.48 9.78 -6.76
C ASN A 79 3.37 11.17 -6.18
N ARG A 80 3.47 12.19 -7.04
CA ARG A 80 3.25 13.57 -6.61
C ARG A 80 1.75 13.70 -6.55
N TYR A 81 1.24 14.42 -5.54
CA TYR A 81 -0.21 14.61 -5.41
C TYR A 81 -0.63 16.05 -5.17
N SER A 82 0.34 16.94 -5.01
CA SER A 82 0.07 18.35 -4.72
C SER A 82 -0.92 19.05 -5.66
N ALA A 83 -0.63 19.00 -6.96
CA ALA A 83 -1.51 19.63 -7.95
C ALA A 83 -2.86 18.94 -8.01
N GLN A 84 -2.85 17.62 -7.91
CA GLN A 84 -4.11 16.87 -7.97
C GLN A 84 -4.99 17.24 -6.78
N LYS A 85 -4.39 17.32 -5.61
CA LYS A 85 -5.15 17.67 -4.41
C LYS A 85 -5.76 19.07 -4.52
N GLN A 86 -4.99 20.02 -5.05
CA GLN A 86 -5.47 21.38 -5.20
C GLN A 86 -6.69 21.42 -6.13
N PHE A 87 -6.64 20.61 -7.18
CA PHE A 87 -7.72 20.51 -8.16
C PHE A 87 -8.93 19.79 -7.57
N TRP A 88 -8.70 18.64 -6.94
CA TRP A 88 -9.81 17.88 -6.35
C TRP A 88 -10.55 18.82 -5.40
N LYS A 89 -9.78 19.60 -4.66
CA LYS A 89 -10.28 20.55 -3.68
C LYS A 89 -11.19 21.60 -4.33
N ALA A 90 -10.96 21.87 -5.61
CA ALA A 90 -11.77 22.86 -6.34
C ALA A 90 -12.57 22.22 -7.47
N SER A 97 -16.15 24.64 -2.99
CA SER A 97 -14.85 24.66 -3.64
C SER A 97 -14.56 26.02 -4.28
N THR A 98 -14.65 26.09 -5.59
CA THR A 98 -14.40 27.35 -6.31
C THR A 98 -15.51 27.70 -7.30
N THR A 99 -15.59 28.98 -7.64
CA THR A 99 -16.59 29.47 -8.57
C THR A 99 -15.91 29.92 -9.86
N ASP A 100 -14.64 30.31 -9.74
CA ASP A 100 -13.86 30.78 -10.88
C ASP A 100 -13.54 29.65 -11.84
N ALA A 101 -14.09 29.70 -13.05
CA ALA A 101 -13.83 28.67 -14.05
C ALA A 101 -12.41 28.77 -14.59
N VAL A 102 -11.90 30.00 -14.67
CA VAL A 102 -10.54 30.21 -15.17
C VAL A 102 -9.52 29.56 -14.24
N LEU A 103 -9.73 29.70 -12.94
CA LEU A 103 -8.84 29.11 -11.94
C LEU A 103 -8.94 27.59 -12.01
N LEU A 104 -10.17 27.08 -12.02
CA LEU A 104 -10.38 25.64 -12.06
C LEU A 104 -9.71 24.99 -13.26
N ASN A 105 -9.62 25.73 -14.36
CA ASN A 105 -8.99 25.19 -15.57
C ASN A 105 -7.47 25.21 -15.45
N LYS A 106 -6.96 26.18 -14.68
CA LYS A 106 -5.52 26.27 -14.49
C LYS A 106 -5.09 25.12 -13.60
N LEU A 107 -5.93 24.84 -12.60
CA LEU A 107 -5.66 23.75 -11.66
C LEU A 107 -5.82 22.40 -12.35
N HIS A 108 -6.77 22.32 -13.28
CA HIS A 108 -7.00 21.06 -13.98
C HIS A 108 -5.76 20.76 -14.81
N HIS A 109 -5.26 21.78 -15.48
CA HIS A 109 -4.09 21.64 -16.32
C HIS A 109 -2.89 21.20 -15.47
N ALA A 110 -2.67 21.88 -14.35
CA ALA A 110 -1.57 21.58 -13.44
C ALA A 110 -1.63 20.14 -12.95
N ALA A 111 -2.83 19.66 -12.65
CA ALA A 111 -2.99 18.29 -12.17
C ALA A 111 -2.64 17.31 -13.28
N ASP A 112 -2.94 17.68 -14.53
CA ASP A 112 -2.64 16.79 -15.65
C ASP A 112 -1.14 16.73 -15.88
N LEU A 113 -0.47 17.86 -15.73
CA LEU A 113 0.97 17.91 -15.92
C LEU A 113 1.63 17.07 -14.82
N GLU A 114 1.02 17.10 -13.64
CA GLU A 114 1.55 16.34 -12.51
C GLU A 114 1.38 14.86 -12.74
N LYS A 115 0.20 14.44 -13.19
CA LYS A 115 -0.02 13.03 -13.44
C LYS A 115 0.91 12.55 -14.54
N LYS A 116 1.18 13.42 -15.52
CA LYS A 116 2.06 13.06 -16.62
C LYS A 116 3.49 12.90 -16.12
N GLN A 117 3.89 13.76 -15.18
CA GLN A 117 5.23 13.68 -14.64
C GLN A 117 5.38 12.37 -13.85
N ASN A 118 4.33 11.95 -13.14
CA ASN A 118 4.42 10.70 -12.39
C ASN A 118 4.63 9.54 -13.36
N GLU A 119 3.85 9.56 -14.44
CA GLU A 119 3.93 8.52 -15.45
C GLU A 119 5.34 8.44 -16.02
N THR A 120 5.89 9.58 -16.41
CA THR A 120 7.22 9.64 -16.97
C THR A 120 8.31 9.19 -16.00
N GLU A 121 8.30 9.80 -14.82
CA GLU A 121 9.31 9.47 -13.82
C GLU A 121 9.17 8.05 -13.31
N ASN A 122 7.95 7.57 -13.13
CA ASN A 122 7.78 6.20 -12.65
C ASN A 122 8.32 5.21 -13.68
N ARG A 123 8.24 5.55 -14.96
CA ARG A 123 8.76 4.64 -15.97
C ARG A 123 10.28 4.56 -15.88
N LYS A 124 10.92 5.69 -15.61
CA LYS A 124 12.37 5.73 -15.49
C LYS A 124 12.81 4.93 -14.28
N LEU A 125 11.94 4.83 -13.28
CA LEU A 125 12.30 4.09 -12.06
C LEU A 125 12.08 2.58 -12.12
N LEU A 126 11.45 2.10 -13.19
CA LEU A 126 11.21 0.66 -13.30
C LEU A 126 12.50 -0.12 -13.24
N GLY A 127 12.51 -1.13 -12.38
CA GLY A 127 13.68 -1.96 -12.24
C GLY A 127 14.78 -1.40 -11.33
N THR A 128 14.56 -0.26 -10.69
CA THR A 128 15.58 0.26 -9.79
C THR A 128 15.40 -0.44 -8.45
N VAL A 129 16.48 -0.73 -7.76
CA VAL A 129 16.39 -1.41 -6.48
C VAL A 129 15.85 -0.47 -5.41
N ILE A 130 14.95 -1.00 -4.57
CA ILE A 130 14.35 -0.23 -3.49
C ILE A 130 15.27 -0.30 -2.27
N GLN A 131 15.53 0.85 -1.64
CA GLN A 131 16.38 0.87 -0.45
C GLN A 131 15.52 1.13 0.78
N TYR A 132 15.94 0.60 1.92
CA TYR A 132 15.16 0.83 3.14
C TYR A 132 15.17 2.30 3.42
N GLY A 133 13.98 2.83 3.73
CA GLY A 133 13.83 4.25 4.01
C GLY A 133 13.13 4.96 2.85
N ASN A 134 13.09 4.28 1.70
CA ASN A 134 12.45 4.84 0.51
C ASN A 134 10.95 4.90 0.72
N VAL A 135 10.31 5.80 0.00
CA VAL A 135 8.87 5.92 0.04
C VAL A 135 8.34 5.15 -1.18
N ILE A 136 7.37 4.28 -0.97
CA ILE A 136 6.78 3.52 -2.06
C ILE A 136 5.26 3.53 -1.95
N GLN A 137 4.60 3.07 -3.00
CA GLN A 137 3.15 2.90 -2.97
C GLN A 137 2.94 1.44 -3.34
N LEU A 138 1.81 0.88 -2.91
CA LEU A 138 1.49 -0.52 -3.18
C LEU A 138 0.21 -0.60 -4.00
N LEU A 139 0.36 -1.03 -5.23
CA LEU A 139 -0.78 -1.12 -6.14
C LEU A 139 -1.34 -2.53 -6.14
N HIS A 140 -2.57 -2.67 -5.65
CA HIS A 140 -3.26 -3.96 -5.63
C HIS A 140 -3.64 -4.18 -7.09
N LEU A 141 -3.01 -5.18 -7.71
CA LEU A 141 -3.19 -5.45 -9.13
C LEU A 141 -4.58 -5.84 -9.63
N LYS A 142 -5.26 -6.71 -8.91
CA LYS A 142 -6.59 -7.16 -9.34
C LYS A 142 -7.57 -6.00 -9.45
N SER A 143 -7.60 -5.12 -8.46
CA SER A 143 -8.50 -3.98 -8.44
C SER A 143 -7.90 -2.70 -9.01
N ASN A 144 -6.59 -2.69 -9.23
CA ASN A 144 -5.90 -1.53 -9.76
C ASN A 144 -6.07 -0.33 -8.84
N LYS A 145 -5.94 -0.55 -7.54
CA LYS A 145 -6.07 0.53 -6.56
C LYS A 145 -4.92 0.49 -5.57
N TYR A 146 -4.58 1.65 -5.01
CA TYR A 146 -3.49 1.73 -4.04
C TYR A 146 -3.94 1.56 -2.60
N LEU A 147 -3.13 0.85 -1.82
CA LEU A 147 -3.36 0.65 -0.40
C LEU A 147 -3.20 2.06 0.14
N THR A 148 -4.19 2.55 0.89
CA THR A 148 -4.15 3.93 1.36
C THR A 148 -4.64 4.12 2.79
N VAL A 149 -3.89 4.88 3.59
CA VAL A 149 -4.27 5.17 4.96
C VAL A 149 -5.03 6.50 4.98
N ASN A 150 -6.12 6.54 5.75
CA ASN A 150 -6.93 7.75 5.86
C ASN A 150 -6.70 8.36 7.24
N LYS A 151 -5.79 9.32 7.32
CA LYS A 151 -5.43 9.97 8.58
C LYS A 151 -6.59 10.55 9.37
N ARG A 152 -7.67 10.90 8.68
CA ARG A 152 -8.83 11.51 9.32
C ARG A 152 -10.01 10.56 9.57
N LEU A 153 -9.80 9.27 9.36
CA LEU A 153 -10.88 8.30 9.57
C LEU A 153 -10.50 7.14 10.48
N PRO A 154 -11.34 6.85 11.47
CA PRO A 154 -11.00 5.73 12.35
C PRO A 154 -11.28 4.44 11.60
N ALA A 155 -10.58 3.36 11.96
CA ALA A 155 -10.81 2.08 11.31
C ALA A 155 -12.24 1.69 11.63
N LEU A 156 -12.82 0.82 10.81
CA LEU A 156 -14.19 0.40 11.03
C LEU A 156 -14.37 -0.41 12.30
N LEU A 157 -13.41 -1.28 12.60
CA LEU A 157 -13.51 -2.12 13.79
C LEU A 157 -12.59 -1.73 14.96
N GLU A 158 -11.29 -1.65 14.72
CA GLU A 158 -10.36 -1.30 15.79
C GLU A 158 -10.42 0.19 16.08
N LYS A 159 -11.01 0.53 17.22
CA LYS A 159 -11.22 1.90 17.65
C LYS A 159 -10.12 2.96 17.48
N ASN A 160 -8.98 2.76 18.14
CA ASN A 160 -7.89 3.73 18.10
C ASN A 160 -6.99 3.65 16.87
N ALA A 161 -7.37 2.84 15.89
CA ALA A 161 -6.59 2.71 14.67
C ALA A 161 -7.21 3.58 13.58
N MET A 162 -6.40 3.90 12.56
CA MET A 162 -6.89 4.70 11.45
C MET A 162 -7.25 3.77 10.30
N ARG A 163 -8.19 4.20 9.45
CA ARG A 163 -8.68 3.37 8.38
C ARG A 163 -7.78 3.17 7.17
N VAL A 164 -7.74 1.93 6.70
CA VAL A 164 -6.97 1.57 5.52
C VAL A 164 -7.97 1.17 4.45
N THR A 165 -7.81 1.73 3.26
CA THR A 165 -8.71 1.44 2.15
C THR A 165 -7.94 1.33 0.84
N LEU A 166 -8.64 0.85 -0.19
CA LEU A 166 -8.09 0.74 -1.53
C LEU A 166 -8.61 1.99 -2.22
N ASP A 167 -7.71 2.74 -2.86
CA ASP A 167 -8.08 3.98 -3.56
C ASP A 167 -7.47 3.97 -4.94
N GLU A 168 -8.29 4.11 -5.98
CA GLU A 168 -7.78 4.08 -7.34
C GLU A 168 -6.67 5.07 -7.66
N ALA A 169 -6.92 6.35 -7.48
CA ALA A 169 -5.90 7.36 -7.78
C ALA A 169 -4.83 7.42 -6.71
N GLY A 170 -5.22 7.11 -5.49
CA GLY A 170 -4.30 7.16 -4.36
C GLY A 170 -4.13 8.61 -3.93
N ASN A 171 -3.41 8.83 -2.84
CA ASN A 171 -3.15 10.17 -2.34
C ASN A 171 -1.96 10.14 -1.40
N GLU A 172 -1.76 11.19 -0.60
CA GLU A 172 -0.60 11.16 0.31
C GLU A 172 -0.67 10.01 1.30
N GLY A 173 -1.89 9.52 1.50
CA GLY A 173 -2.09 8.39 2.40
C GLY A 173 -1.62 7.10 1.78
N SER A 174 -1.25 7.13 0.50
CA SER A 174 -0.78 5.93 -0.18
C SER A 174 0.74 5.83 -0.06
N TRP A 175 1.37 6.83 0.54
CA TRP A 175 2.82 6.84 0.67
C TRP A 175 3.29 6.08 1.90
N PHE A 176 4.16 5.09 1.72
CA PHE A 176 4.72 4.33 2.85
C PHE A 176 6.23 4.28 2.84
N TYR A 177 6.85 4.45 4.01
CA TYR A 177 8.29 4.29 4.09
C TYR A 177 8.43 2.78 4.26
N ILE A 178 9.37 2.15 3.56
CA ILE A 178 9.57 0.72 3.75
C ILE A 178 10.76 0.62 4.70
N GLN A 179 10.48 0.18 5.92
CA GLN A 179 11.51 0.13 6.96
C GLN A 179 11.84 -1.28 7.42
N PRO A 180 13.10 -1.50 7.85
CA PRO A 180 13.48 -2.85 8.28
C PRO A 180 12.91 -3.25 9.64
N PHE A 181 12.30 -4.43 9.69
CA PHE A 181 11.72 -4.92 10.94
C PHE A 181 12.83 -5.37 11.88
N TYR A 182 13.87 -5.98 11.31
CA TYR A 182 15.03 -6.45 12.09
C TYR A 182 16.29 -5.69 11.67
N LYS A 183 17.38 -5.89 12.40
CA LYS A 183 18.64 -5.21 12.12
C LYS A 183 19.62 -5.86 11.16
N LEU A 184 19.24 -6.94 10.47
CA LEU A 184 20.15 -7.57 9.53
C LEU A 184 20.53 -6.51 8.49
N ARG A 185 19.55 -5.68 8.15
CA ARG A 185 19.78 -4.62 7.18
C ARG A 185 19.29 -3.30 7.78
N SER A 186 19.84 -2.20 7.29
CA SER A 186 19.47 -0.90 7.85
C SER A 186 19.03 0.04 6.76
N ILE A 187 18.63 1.24 7.19
CA ILE A 187 18.23 2.29 6.27
C ILE A 187 19.39 2.44 5.28
N GLY A 188 19.08 2.58 4.00
CA GLY A 188 20.10 2.70 2.99
C GLY A 188 20.44 1.39 2.28
N ASP A 189 20.26 0.26 2.97
CA ASP A 189 20.52 -1.02 2.33
C ASP A 189 19.41 -1.41 1.35
N SER A 190 19.77 -2.20 0.35
CA SER A 190 18.77 -2.67 -0.60
C SER A 190 17.84 -3.65 0.15
N VAL A 191 16.55 -3.59 -0.16
CA VAL A 191 15.59 -4.51 0.46
C VAL A 191 15.78 -5.87 -0.23
N VAL A 192 15.86 -6.93 0.56
CA VAL A 192 16.06 -8.28 0.01
C VAL A 192 14.73 -9.02 -0.03
N ILE A 193 14.50 -9.80 -1.09
CA ILE A 193 13.26 -10.56 -1.17
C ILE A 193 13.15 -11.49 0.03
N GLY A 194 11.95 -11.56 0.61
CA GLY A 194 11.76 -12.40 1.78
C GLY A 194 11.97 -11.64 3.07
N ASP A 195 12.45 -10.40 2.98
CA ASP A 195 12.66 -9.58 4.16
C ASP A 195 11.35 -9.22 4.85
N LYS A 196 11.41 -9.08 6.18
CA LYS A 196 10.25 -8.66 6.96
C LYS A 196 10.40 -7.16 7.13
N VAL A 197 9.35 -6.43 6.78
CA VAL A 197 9.42 -4.98 6.86
C VAL A 197 8.28 -4.35 7.62
N VAL A 198 8.46 -3.05 7.90
CA VAL A 198 7.43 -2.23 8.50
C VAL A 198 6.99 -1.30 7.37
N LEU A 199 5.68 -1.15 7.18
CA LEU A 199 5.14 -0.26 6.15
C LEU A 199 4.57 0.89 6.95
N ASN A 200 5.35 1.96 6.99
CA ASN A 200 5.06 3.13 7.81
C ASN A 200 4.60 4.33 6.98
N PRO A 201 3.32 4.73 7.11
CA PRO A 201 2.81 5.88 6.35
C PRO A 201 3.71 7.09 6.54
N VAL A 202 3.93 7.83 5.47
CA VAL A 202 4.79 8.98 5.56
C VAL A 202 4.21 10.05 6.48
N ASN A 203 2.93 10.36 6.32
CA ASN A 203 2.32 11.35 7.19
C ASN A 203 0.90 11.00 7.60
N ALA A 204 0.35 9.99 6.95
CA ALA A 204 -1.02 9.58 7.21
C ALA A 204 -1.26 8.97 8.59
N GLY A 205 -0.26 8.32 9.16
CA GLY A 205 -0.46 7.71 10.46
C GLY A 205 0.56 6.65 10.79
N GLN A 206 0.16 5.70 11.63
CA GLN A 206 1.01 4.62 12.12
C GLN A 206 1.15 3.40 11.19
N PRO A 207 2.13 2.52 11.46
CA PRO A 207 2.33 1.34 10.62
C PRO A 207 1.13 0.48 10.32
N LEU A 208 1.19 -0.15 9.14
CA LEU A 208 0.16 -1.04 8.66
C LEU A 208 0.09 -2.19 9.66
N HIS A 209 -1.11 -2.49 10.12
CA HIS A 209 -1.34 -3.49 11.16
C HIS A 209 -2.27 -4.61 10.76
N ALA A 210 -1.88 -5.84 11.07
CA ALA A 210 -2.72 -7.00 10.79
C ALA A 210 -3.41 -7.25 12.13
N SER A 211 -4.65 -6.78 12.24
CA SER A 211 -5.37 -6.93 13.51
C SER A 211 -6.01 -8.28 13.66
N SER A 212 -6.61 -8.49 14.83
CA SER A 212 -7.29 -9.74 15.13
C SER A 212 -8.79 -9.44 15.23
N HIS A 213 -9.19 -8.29 14.70
CA HIS A 213 -10.58 -7.86 14.70
C HIS A 213 -11.25 -8.50 13.48
N GLN A 214 -12.05 -9.53 13.73
CA GLN A 214 -12.74 -10.26 12.68
C GLN A 214 -13.92 -9.50 12.09
N LEU A 215 -14.09 -9.57 10.77
CA LEU A 215 -15.20 -8.88 10.13
C LEU A 215 -16.50 -9.62 10.45
N VAL A 216 -17.54 -8.87 10.78
CA VAL A 216 -18.82 -9.47 11.10
C VAL A 216 -19.42 -10.15 9.87
N ASP A 217 -19.50 -9.40 8.78
CA ASP A 217 -20.06 -9.89 7.53
C ASP A 217 -19.30 -11.07 6.93
N ASN A 218 -17.99 -11.07 7.06
CA ASN A 218 -17.17 -12.14 6.52
C ASN A 218 -16.65 -13.11 7.56
N PRO A 219 -16.08 -14.25 7.12
CA PRO A 219 -15.54 -15.27 8.02
C PRO A 219 -14.78 -14.76 9.27
N GLY A 220 -13.46 -14.95 9.43
CA GLY A 220 -12.58 -15.61 8.49
C GLY A 220 -11.62 -14.59 7.95
N CYS A 221 -12.04 -13.33 8.03
CA CYS A 221 -11.24 -12.21 7.56
C CYS A 221 -11.01 -11.25 8.72
N ASN A 222 -9.78 -10.75 8.82
CA ASN A 222 -9.45 -9.82 9.88
C ASN A 222 -9.01 -8.49 9.27
N GLU A 223 -9.44 -7.42 9.92
CA GLU A 223 -9.16 -6.06 9.49
C GLU A 223 -7.69 -5.65 9.48
N VAL A 224 -7.30 -4.97 8.40
CA VAL A 224 -5.96 -4.41 8.27
C VAL A 224 -6.23 -2.92 8.51
N ASN A 225 -5.49 -2.31 9.42
CA ASN A 225 -5.67 -0.89 9.69
C ASN A 225 -4.32 -0.25 9.95
N SER A 226 -4.34 0.98 10.48
CA SER A 226 -3.12 1.73 10.75
C SER A 226 -3.07 2.10 12.22
N VAL A 227 -2.07 1.60 12.95
CA VAL A 227 -1.92 1.89 14.37
C VAL A 227 -0.54 1.41 14.87
N ASN A 228 -0.03 2.00 15.96
CA ASN A 228 1.24 1.58 16.54
C ASN A 228 1.14 0.08 16.74
N CYS A 229 2.06 -0.69 16.18
CA CYS A 229 1.98 -2.14 16.31
C CYS A 229 3.31 -2.82 16.04
N ASN A 230 3.34 -4.15 16.21
CA ASN A 230 4.56 -4.90 15.97
C ASN A 230 4.41 -5.91 14.84
N THR A 231 3.43 -5.68 13.97
CA THR A 231 3.23 -6.56 12.83
C THR A 231 4.44 -6.46 11.90
N SER A 232 4.84 -7.58 11.32
CA SER A 232 5.93 -7.56 10.34
C SER A 232 5.28 -8.00 9.02
N TRP A 233 5.82 -7.51 7.91
CA TRP A 233 5.26 -7.86 6.61
C TRP A 233 6.39 -8.47 5.78
N LYS A 234 6.21 -9.73 5.40
CA LYS A 234 7.22 -10.41 4.63
C LYS A 234 6.93 -10.20 3.16
N ILE A 235 7.92 -9.74 2.43
CA ILE A 235 7.77 -9.47 1.01
C ILE A 235 8.10 -10.74 0.25
N VAL A 236 7.07 -11.31 -0.36
CA VAL A 236 7.24 -12.55 -1.13
C VAL A 236 7.13 -12.23 -2.61
N LEU A 237 8.23 -12.44 -3.31
CA LEU A 237 8.32 -12.16 -4.75
C LEU A 237 7.50 -13.12 -5.57
N PHE A 238 6.77 -12.57 -6.54
CA PHE A 238 6.00 -13.41 -7.40
C PHE A 238 6.46 -13.29 -8.84
N LEU A 239 6.77 -12.07 -9.24
CA LEU A 239 7.24 -11.84 -10.61
C LEU A 239 8.12 -10.60 -10.68
N GLU A 240 9.28 -10.75 -11.31
CA GLU A 240 10.21 -9.64 -11.49
C GLU A 240 9.57 -8.62 -12.42
N HIS A 241 9.95 -7.36 -12.22
CA HIS A 241 9.40 -6.25 -12.98
C HIS A 241 9.37 -6.34 -14.50
N HIS A 242 10.45 -6.83 -15.11
CA HIS A 242 10.51 -6.86 -16.56
C HIS A 242 9.43 -7.70 -17.25
N HIS A 243 8.73 -8.52 -16.48
CA HIS A 243 7.68 -9.38 -17.04
C HIS A 243 6.31 -8.69 -17.10
C1 GOL B . 14.90 -8.95 7.40
O1 GOL B . 13.69 -9.62 7.70
C2 GOL B . 15.11 -7.67 8.17
O2 GOL B . 13.96 -6.89 8.39
C3 GOL B . 16.13 -6.80 7.50
O3 GOL B . 16.98 -6.39 8.53
#